data_6K0G
#
_entry.id   6K0G
#
_cell.length_a   70.235
_cell.length_b   70.235
_cell.length_c   320.578
_cell.angle_alpha   90.000
_cell.angle_beta   90.000
_cell.angle_gamma   120.000
#
_symmetry.space_group_name_H-M   'P 65 2 2'
#
loop_
_entity.id
_entity.type
_entity.pdbx_description
1 polymer 'UDP-glucose 4-epimerase'
2 non-polymer "URIDINE-5'-DIPHOSPHATE"
3 non-polymer NICOTINAMIDE-ADENINE-DINUCLEOTIDE
4 non-polymer 'MAGNESIUM ION'
5 water water
#
_entity_poly.entity_id   1
_entity_poly.type   'polypeptide(L)'
_entity_poly.pdbx_seq_one_letter_code
;MTTVLVTGGAGFIATHTDIELLNKGYDVISVDNYGNSSPVALERVEQITGKPVKRYDGDVRDEALMERVFAENNIDWVIH
FAGLKAVGESVAKPIEYYDNNLYSTLVLLKVMKKHNVKKIIFSSSATVYGTPKELPITEETPTGGTTNPYGTSKLFQEQI
LRDVHVADPSWTIVLLRYFNPVGAHESGLLGEDPKGIPANLTPYVAKVAVGELKEVQVYGDDYDTPDGTGVRDYIHVVDL
AKGHVAVIDHIDKEGVFVYNLGTGHGYSVLEVIKAYEKAAGHPIPYAIKPRRPGDIAACYADASKAEKELGWKAELTIDD
MAASSLNWQTKNPNGFRDAELEHHHHHH
;
_entity_poly.pdbx_strand_id   A
#
# COMPACT_ATOMS: atom_id res chain seq x y z
N THR A 2 0.05 23.46 -1.25
CA THR A 2 -0.25 22.34 -0.28
C THR A 2 0.91 21.36 -0.33
N THR A 3 1.54 21.15 0.83
CA THR A 3 2.70 20.36 0.99
C THR A 3 2.30 19.06 1.69
N VAL A 4 2.71 17.95 1.10
CA VAL A 4 2.40 16.59 1.64
C VAL A 4 3.71 15.91 2.03
N LEU A 5 3.80 15.49 3.31
CA LEU A 5 4.82 14.61 3.73
C LEU A 5 4.39 13.18 3.49
N VAL A 6 5.23 12.40 2.78
CA VAL A 6 4.95 11.03 2.47
C VAL A 6 5.99 10.18 3.18
N THR A 7 5.60 9.54 4.30
CA THR A 7 6.52 8.64 4.92
C THR A 7 6.57 7.35 4.11
N GLY A 8 7.69 6.64 4.18
CA GLY A 8 7.89 5.46 3.26
C GLY A 8 7.79 5.88 1.80
N GLY A 9 8.30 7.09 1.52
CA GLY A 9 7.97 7.86 0.31
C GLY A 9 8.66 7.31 -0.93
N ALA A 10 9.60 6.37 -0.75
CA ALA A 10 10.31 5.71 -1.87
C ALA A 10 9.74 4.33 -2.19
N GLY A 11 8.73 3.87 -1.45
CA GLY A 11 8.16 2.54 -1.64
C GLY A 11 7.19 2.44 -2.81
N PHE A 12 6.58 1.26 -2.95
CA PHE A 12 5.79 0.92 -4.12
C PHE A 12 4.59 1.86 -4.27
N ILE A 13 3.71 1.90 -3.26
CA ILE A 13 2.50 2.70 -3.41
C ILE A 13 2.84 4.19 -3.30
N ALA A 14 3.82 4.53 -2.43
CA ALA A 14 4.17 5.92 -2.21
C ALA A 14 4.65 6.53 -3.53
N THR A 15 5.49 5.82 -4.28
CA THR A 15 6.14 6.52 -5.43
C THR A 15 5.08 6.79 -6.49
N HIS A 16 4.12 5.88 -6.65
CA HIS A 16 3.01 6.08 -7.54
C HIS A 16 2.16 7.25 -7.06
N THR A 17 1.99 7.33 -5.73
CA THR A 17 1.18 8.41 -5.16
C THR A 17 1.92 9.75 -5.37
N ASP A 18 3.22 9.76 -5.12
CA ASP A 18 4.07 10.92 -5.29
C ASP A 18 3.85 11.53 -6.69
N ILE A 19 3.85 10.66 -7.71
CA ILE A 19 3.58 11.08 -9.09
C ILE A 19 2.23 11.79 -9.19
N GLU A 20 1.18 11.16 -8.68
CA GLU A 20 -0.16 11.68 -8.85
C GLU A 20 -0.31 13.01 -8.07
N LEU A 21 0.28 13.11 -6.87
CA LEU A 21 0.28 14.38 -6.14
C LEU A 21 1.02 15.46 -6.96
N LEU A 22 2.21 15.15 -7.44
CA LEU A 22 3.07 16.16 -8.10
C LEU A 22 2.38 16.65 -9.38
N ASN A 23 1.69 15.74 -10.09
CA ASN A 23 1.00 16.10 -11.36
C ASN A 23 -0.22 17.01 -11.08
N LYS A 24 -0.73 16.99 -9.84
CA LYS A 24 -1.85 17.83 -9.45
C LYS A 24 -1.39 19.15 -8.83
N GLY A 25 -0.10 19.38 -8.70
CA GLY A 25 0.45 20.66 -8.24
C GLY A 25 0.80 20.70 -6.75
N TYR A 26 0.67 19.59 -6.03
CA TYR A 26 1.15 19.50 -4.64
C TYR A 26 2.67 19.42 -4.59
N ASP A 27 3.26 19.93 -3.50
CA ASP A 27 4.62 19.72 -3.18
C ASP A 27 4.78 18.46 -2.30
N VAL A 28 5.82 17.68 -2.58
CA VAL A 28 6.00 16.37 -1.92
C VAL A 28 7.35 16.33 -1.22
N ILE A 29 7.31 15.81 0.02
CA ILE A 29 8.48 15.51 0.81
C ILE A 29 8.44 14.02 1.18
N SER A 30 9.57 13.33 1.03
CA SER A 30 9.71 11.87 1.34
C SER A 30 10.63 11.68 2.54
N VAL A 31 10.22 10.75 3.43
CA VAL A 31 11.13 10.21 4.41
C VAL A 31 11.08 8.70 4.20
N ASP A 32 12.24 8.09 4.08
CA ASP A 32 12.30 6.62 3.88
C ASP A 32 13.64 6.13 4.37
N ASN A 33 13.67 4.90 4.92
CA ASN A 33 14.97 4.29 5.35
C ASN A 33 15.52 3.27 4.34
N TYR A 34 14.83 3.11 3.21
CA TYR A 34 15.21 2.20 2.11
C TYR A 34 15.33 0.76 2.55
N GLY A 35 14.58 0.38 3.59
CA GLY A 35 14.51 -0.99 3.98
C GLY A 35 13.90 -1.88 2.90
N ASN A 36 12.99 -1.35 2.05
CA ASN A 36 12.35 -2.18 1.06
C ASN A 36 12.21 -1.40 -0.24
N SER A 37 13.14 -0.48 -0.48
CA SER A 37 13.02 0.39 -1.65
C SER A 37 14.41 0.95 -1.97
N SER A 38 14.52 1.49 -3.17
CA SER A 38 15.74 2.18 -3.64
C SER A 38 15.50 3.69 -3.73
N PRO A 39 16.48 4.54 -3.33
CA PRO A 39 16.46 5.96 -3.62
C PRO A 39 16.30 6.32 -5.10
N VAL A 40 16.69 5.38 -5.98
CA VAL A 40 16.55 5.60 -7.38
C VAL A 40 15.08 5.73 -7.76
N ALA A 41 14.16 5.10 -6.99
CA ALA A 41 12.75 5.21 -7.29
C ALA A 41 12.31 6.68 -7.27
N LEU A 42 12.88 7.50 -6.37
CA LEU A 42 12.49 8.89 -6.25
C LEU A 42 13.08 9.67 -7.43
N GLU A 43 14.21 9.21 -7.93
CA GLU A 43 14.78 9.86 -9.17
C GLU A 43 13.79 9.63 -10.33
N ARG A 44 13.18 8.44 -10.40
CA ARG A 44 12.24 8.08 -11.47
C ARG A 44 10.93 8.86 -11.32
N VAL A 45 10.48 9.13 -10.08
CA VAL A 45 9.31 9.99 -9.85
C VAL A 45 9.57 11.39 -10.43
N GLU A 46 10.77 11.90 -10.17
CA GLU A 46 11.14 13.25 -10.62
C GLU A 46 11.21 13.24 -12.16
N GLN A 47 11.76 12.17 -12.73
CA GLN A 47 11.89 12.09 -14.19
C GLN A 47 10.52 12.10 -14.87
N ILE A 48 9.59 11.27 -14.36
CA ILE A 48 8.25 11.17 -14.92
C ILE A 48 7.46 12.46 -14.85
N THR A 49 7.59 13.17 -13.73
CA THR A 49 6.77 14.34 -13.43
C THR A 49 7.44 15.65 -13.88
N GLY A 50 8.77 15.66 -13.94
CA GLY A 50 9.52 16.90 -14.11
C GLY A 50 9.52 17.77 -12.86
N LYS A 51 9.21 17.18 -11.69
CA LYS A 51 9.02 17.93 -10.45
C LYS A 51 9.91 17.33 -9.39
N PRO A 52 10.32 18.15 -8.40
CA PRO A 52 11.20 17.67 -7.34
C PRO A 52 10.44 16.91 -6.24
N VAL A 53 11.15 15.98 -5.60
CA VAL A 53 10.70 15.40 -4.33
C VAL A 53 11.78 15.75 -3.33
N LYS A 54 11.42 16.44 -2.24
CA LYS A 54 12.42 16.76 -1.26
C LYS A 54 12.67 15.48 -0.45
N ARG A 55 13.91 14.99 -0.46
CA ARG A 55 14.28 13.67 0.06
C ARG A 55 14.92 13.76 1.44
N TYR A 56 14.36 13.04 2.42
CA TYR A 56 15.04 12.78 3.70
C TYR A 56 15.29 11.30 3.84
N ASP A 57 16.50 10.94 4.26
CA ASP A 57 16.89 9.58 4.38
C ASP A 57 16.99 9.23 5.86
N GLY A 58 16.17 8.27 6.30
CA GLY A 58 16.24 7.84 7.67
C GLY A 58 14.92 7.23 8.15
N ASP A 59 14.83 7.05 9.46
CA ASP A 59 13.79 6.25 10.09
C ASP A 59 12.76 7.18 10.69
N VAL A 60 11.46 6.86 10.48
CA VAL A 60 10.38 7.64 11.03
C VAL A 60 10.36 7.53 12.57
N ARG A 61 11.01 6.52 13.13
CA ARG A 61 11.14 6.36 14.60
C ARG A 61 12.23 7.29 15.15
N ASP A 62 12.97 7.99 14.28
CA ASP A 62 14.07 8.88 14.70
C ASP A 62 13.48 10.25 14.98
N GLU A 63 13.23 10.55 16.26
CA GLU A 63 12.51 11.77 16.63
C GLU A 63 13.26 13.01 16.15
N ALA A 64 14.59 13.00 16.27
CA ALA A 64 15.40 14.18 15.84
C ALA A 64 15.24 14.46 14.34
N LEU A 65 15.27 13.38 13.53
CA LEU A 65 15.06 13.47 12.08
C LEU A 65 13.66 14.01 11.80
N MET A 66 12.62 13.45 12.45
CA MET A 66 11.27 13.89 12.16
C MET A 66 11.06 15.36 12.61
N GLU A 67 11.67 15.75 13.75
CA GLU A 67 11.68 17.16 14.18
C GLU A 67 12.25 18.07 13.07
N ARG A 68 13.37 17.66 12.46
CA ARG A 68 14.01 18.42 11.38
C ARG A 68 13.03 18.57 10.21
N VAL A 69 12.35 17.47 9.85
CA VAL A 69 11.40 17.50 8.75
C VAL A 69 10.28 18.55 8.99
N PHE A 70 9.71 18.58 10.19
CA PHE A 70 8.63 19.49 10.53
C PHE A 70 9.14 20.92 10.78
N ALA A 71 10.37 21.06 11.27
CA ALA A 71 10.95 22.39 11.51
C ALA A 71 11.35 23.06 10.20
N GLU A 72 11.79 22.28 9.22
CA GLU A 72 12.37 22.81 7.98
C GLU A 72 11.33 23.01 6.88
N ASN A 73 10.11 22.50 7.05
CA ASN A 73 9.08 22.49 6.02
C ASN A 73 7.73 22.83 6.63
N ASN A 74 6.85 23.44 5.85
CA ASN A 74 5.54 23.76 6.30
C ASN A 74 4.55 22.71 5.74
N ILE A 75 4.29 21.66 6.52
CA ILE A 75 3.54 20.51 6.06
C ILE A 75 2.03 20.67 6.33
N ASP A 76 1.21 20.40 5.31
CA ASP A 76 -0.25 20.49 5.37
C ASP A 76 -0.90 19.14 5.69
N TRP A 77 -0.41 18.12 5.00
CA TRP A 77 -0.92 16.77 5.08
C TRP A 77 0.28 15.82 5.23
N VAL A 78 0.01 14.71 5.91
CA VAL A 78 0.92 13.57 5.96
C VAL A 78 0.21 12.33 5.41
N ILE A 79 0.92 11.55 4.56
CA ILE A 79 0.47 10.22 4.15
C ILE A 79 1.49 9.25 4.74
N HIS A 80 1.01 8.41 5.65
CA HIS A 80 1.92 7.52 6.41
C HIS A 80 1.91 6.11 5.80
N PHE A 81 2.79 5.90 4.83
CA PHE A 81 3.01 4.58 4.20
C PHE A 81 4.07 3.76 4.94
N ALA A 82 4.95 4.38 5.72
CA ALA A 82 6.09 3.66 6.25
C ALA A 82 5.58 2.53 7.14
N GLY A 83 6.06 1.32 6.84
CA GLY A 83 5.70 0.14 7.63
C GLY A 83 6.32 -1.09 7.01
N LEU A 84 6.38 -2.18 7.79
CA LEU A 84 6.64 -3.51 7.30
C LEU A 84 5.29 -4.19 7.00
N LYS A 85 5.22 -4.93 5.90
CA LYS A 85 3.90 -5.23 5.33
C LYS A 85 3.64 -6.71 4.93
N ALA A 86 4.49 -7.66 5.33
CA ALA A 86 4.27 -9.05 4.90
C ALA A 86 3.53 -9.86 5.98
N VAL A 87 2.33 -10.32 5.68
CA VAL A 87 1.51 -11.13 6.61
C VAL A 87 2.35 -12.31 7.15
N GLY A 88 2.99 -13.09 6.25
CA GLY A 88 3.67 -14.28 6.70
C GLY A 88 4.89 -14.02 7.56
N GLU A 89 5.72 -13.08 7.13
CA GLU A 89 6.92 -12.66 7.88
C GLU A 89 6.51 -12.16 9.28
N SER A 90 5.37 -11.46 9.38
CA SER A 90 4.95 -10.83 10.64
C SER A 90 4.74 -11.89 11.73
N VAL A 91 4.24 -13.05 11.32
CA VAL A 91 3.96 -14.16 12.27
C VAL A 91 5.30 -14.62 12.88
N ALA A 92 6.36 -14.65 12.07
CA ALA A 92 7.68 -15.06 12.50
C ALA A 92 8.43 -13.96 13.22
N LYS A 93 8.09 -12.67 12.99
CA LYS A 93 8.91 -11.56 13.48
C LYS A 93 8.01 -10.50 14.12
N PRO A 94 7.19 -10.90 15.11
CA PRO A 94 6.17 -9.99 15.65
C PRO A 94 6.80 -8.73 16.23
N ILE A 95 7.90 -8.85 16.99
CA ILE A 95 8.42 -7.68 17.67
C ILE A 95 9.00 -6.70 16.64
N GLU A 96 9.64 -7.21 15.59
CA GLU A 96 10.11 -6.31 14.48
C GLU A 96 8.94 -5.54 13.90
N TYR A 97 7.82 -6.21 13.69
CA TYR A 97 6.64 -5.60 13.09
C TYR A 97 6.04 -4.58 14.05
N TYR A 98 5.84 -4.97 15.34
CA TYR A 98 5.16 -4.07 16.26
C TYR A 98 6.02 -2.84 16.50
N ASP A 99 7.33 -3.04 16.68
CA ASP A 99 8.26 -1.93 16.90
C ASP A 99 8.18 -0.97 15.69
N ASN A 100 8.51 -1.50 14.54
CA ASN A 100 8.54 -0.60 13.34
C ASN A 100 7.20 0.07 13.09
N ASN A 101 6.12 -0.71 13.15
CA ASN A 101 4.87 -0.18 12.69
C ASN A 101 4.22 0.70 13.76
N LEU A 102 4.18 0.24 15.03
CA LEU A 102 3.54 1.04 16.06
C LEU A 102 4.40 2.25 16.42
N TYR A 103 5.73 2.08 16.56
CA TYR A 103 6.52 3.16 17.05
C TYR A 103 6.78 4.21 15.97
N SER A 104 6.84 3.84 14.69
CA SER A 104 6.94 4.88 13.64
C SER A 104 5.74 5.80 13.76
N THR A 105 4.53 5.21 13.92
CA THR A 105 3.29 5.95 13.98
C THR A 105 3.27 6.85 15.22
N LEU A 106 3.76 6.35 16.37
CA LEU A 106 3.75 7.12 17.58
C LEU A 106 4.73 8.30 17.49
N VAL A 107 5.93 8.09 16.98
CA VAL A 107 6.90 9.20 16.84
C VAL A 107 6.34 10.26 15.86
N LEU A 108 5.79 9.81 14.76
CA LEU A 108 5.16 10.71 13.78
C LEU A 108 4.06 11.57 14.44
N LEU A 109 3.12 10.93 15.15
CA LEU A 109 2.04 11.65 15.76
C LEU A 109 2.56 12.64 16.79
N LYS A 110 3.58 12.28 17.57
CA LYS A 110 4.08 13.19 18.58
C LYS A 110 4.60 14.48 17.91
N VAL A 111 5.35 14.30 16.83
CA VAL A 111 5.93 15.45 16.09
C VAL A 111 4.83 16.24 15.37
N MET A 112 3.86 15.56 14.79
CA MET A 112 2.75 16.25 14.14
C MET A 112 2.00 17.13 15.16
N LYS A 113 1.67 16.55 16.33
CA LYS A 113 1.00 17.32 17.37
C LYS A 113 1.81 18.54 17.77
N LYS A 114 3.13 18.37 17.96
CA LYS A 114 3.97 19.43 18.36
C LYS A 114 3.96 20.62 17.38
N HIS A 115 3.69 20.34 16.10
CA HIS A 115 3.72 21.35 15.05
C HIS A 115 2.33 21.71 14.58
N ASN A 116 1.29 21.22 15.28
CA ASN A 116 -0.12 21.43 14.87
C ASN A 116 -0.37 21.03 13.43
N VAL A 117 0.21 19.93 12.97
CA VAL A 117 -0.14 19.38 11.67
C VAL A 117 -1.08 18.22 11.97
N LYS A 118 -2.31 18.34 11.56
CA LYS A 118 -3.42 17.50 12.09
C LYS A 118 -4.26 16.91 10.97
N LYS A 119 -3.63 16.60 9.82
CA LYS A 119 -4.30 15.92 8.74
C LYS A 119 -3.39 14.80 8.26
N ILE A 120 -3.91 13.58 8.41
CA ILE A 120 -3.16 12.34 8.12
C ILE A 120 -4.05 11.43 7.29
N ILE A 121 -3.43 10.80 6.30
CA ILE A 121 -3.92 9.60 5.64
C ILE A 121 -3.05 8.45 6.10
N PHE A 122 -3.70 7.44 6.70
CA PHE A 122 -3.01 6.24 7.15
C PHE A 122 -3.23 5.10 6.17
N SER A 123 -2.14 4.43 5.78
CA SER A 123 -2.17 3.26 4.95
C SER A 123 -2.64 2.05 5.78
N SER A 124 -3.93 1.77 5.78
CA SER A 124 -4.43 0.59 6.45
C SER A 124 -4.67 -0.52 5.42
N SER A 125 -5.30 -1.61 5.83
CA SER A 125 -5.24 -2.88 5.07
C SER A 125 -6.55 -3.66 5.26
N ALA A 126 -6.98 -4.35 4.21
CA ALA A 126 -8.09 -5.32 4.30
C ALA A 126 -7.85 -6.40 5.37
N THR A 127 -6.58 -6.57 5.80
CA THR A 127 -6.28 -7.59 6.82
C THR A 127 -6.94 -7.19 8.16
N VAL A 128 -7.38 -5.95 8.34
CA VAL A 128 -7.96 -5.56 9.64
C VAL A 128 -9.31 -6.27 9.87
N TYR A 129 -9.91 -6.79 8.79
CA TYR A 129 -11.20 -7.48 8.87
C TYR A 129 -11.04 -8.97 9.27
N GLY A 130 -9.81 -9.46 9.45
CA GLY A 130 -9.52 -10.88 9.68
C GLY A 130 -10.23 -11.74 8.64
N THR A 131 -10.88 -12.81 9.10
CA THR A 131 -11.73 -13.61 8.28
C THR A 131 -13.04 -12.86 8.11
N PRO A 132 -13.34 -12.37 6.89
CA PRO A 132 -14.38 -11.36 6.74
C PRO A 132 -15.72 -11.92 7.20
N LYS A 133 -16.41 -11.11 8.01
CA LYS A 133 -17.75 -11.41 8.49
C LYS A 133 -18.74 -11.41 7.31
N GLU A 134 -18.48 -10.65 6.27
CA GLU A 134 -19.37 -10.73 5.07
C GLU A 134 -18.58 -10.38 3.82
N LEU A 135 -19.05 -10.81 2.65
CA LEU A 135 -18.38 -10.45 1.37
C LEU A 135 -19.46 -9.96 0.43
N PRO A 136 -19.20 -8.88 -0.31
CA PRO A 136 -18.02 -8.05 -0.26
C PRO A 136 -17.96 -7.26 1.04
N ILE A 137 -16.76 -6.78 1.39
CA ILE A 137 -16.56 -6.07 2.63
C ILE A 137 -16.92 -4.60 2.43
N THR A 138 -17.69 -4.04 3.36
CA THR A 138 -17.94 -2.63 3.40
C THR A 138 -17.23 -2.02 4.60
N GLU A 139 -17.35 -0.69 4.73
CA GLU A 139 -16.78 -0.03 5.91
C GLU A 139 -17.65 -0.33 7.16
N GLU A 140 -18.84 -0.91 7.00
CA GLU A 140 -19.62 -1.38 8.14
C GLU A 140 -19.29 -2.81 8.57
N THR A 141 -18.45 -3.51 7.82
CA THR A 141 -18.11 -4.87 8.21
C THR A 141 -17.25 -4.79 9.46
N PRO A 142 -17.55 -5.56 10.51
CA PRO A 142 -16.79 -5.47 11.76
C PRO A 142 -15.32 -5.81 11.50
N THR A 143 -14.46 -5.13 12.25
CA THR A 143 -13.03 -5.35 12.20
C THR A 143 -12.69 -6.32 13.35
N GLY A 144 -11.47 -6.84 13.33
CA GLY A 144 -10.99 -7.75 14.40
C GLY A 144 -10.82 -9.14 13.90
N GLY A 145 -10.48 -10.04 14.82
CA GLY A 145 -10.13 -11.36 14.46
C GLY A 145 -8.92 -11.41 13.56
N THR A 146 -8.03 -10.42 13.72
CA THR A 146 -6.82 -10.42 12.91
C THR A 146 -5.99 -11.67 13.19
N THR A 147 -5.33 -12.12 12.12
CA THR A 147 -4.70 -13.48 12.14
C THR A 147 -3.19 -13.45 12.22
N ASN A 148 -2.61 -12.27 12.29
CA ASN A 148 -1.17 -12.11 12.11
C ASN A 148 -0.77 -10.75 12.60
N PRO A 149 0.46 -10.56 13.11
CA PRO A 149 0.88 -9.30 13.69
C PRO A 149 0.87 -8.11 12.73
N TYR A 150 1.06 -8.35 11.44
CA TYR A 150 0.93 -7.23 10.49
C TYR A 150 -0.48 -6.62 10.53
N GLY A 151 -1.50 -7.45 10.25
CA GLY A 151 -2.88 -7.04 10.31
C GLY A 151 -3.27 -6.50 11.67
N THR A 152 -2.83 -7.19 12.76
CA THR A 152 -3.06 -6.70 14.06
C THR A 152 -2.51 -5.29 14.23
N SER A 153 -1.26 -5.08 13.79
CA SER A 153 -0.62 -3.79 13.92
C SER A 153 -1.41 -2.70 13.19
N LYS A 154 -1.93 -3.01 12.01
CA LYS A 154 -2.77 -2.00 11.30
C LYS A 154 -4.03 -1.66 12.12
N LEU A 155 -4.72 -2.65 12.69
CA LEU A 155 -5.92 -2.37 13.46
C LEU A 155 -5.59 -1.59 14.73
N PHE A 156 -4.46 -1.92 15.38
CA PHE A 156 -4.00 -1.18 16.51
C PHE A 156 -3.76 0.31 16.17
N GLN A 157 -3.09 0.54 15.04
CA GLN A 157 -2.79 1.86 14.62
C GLN A 157 -4.09 2.64 14.32
N GLU A 158 -5.04 2.00 13.66
CA GLU A 158 -6.32 2.68 13.40
C GLU A 158 -6.94 3.18 14.71
N GLN A 159 -6.89 2.31 15.76
CA GLN A 159 -7.42 2.69 17.06
C GLN A 159 -6.64 3.84 17.69
N ILE A 160 -5.30 3.80 17.66
CA ILE A 160 -4.47 4.91 18.12
C ILE A 160 -4.93 6.23 17.48
N LEU A 161 -5.09 6.21 16.16
CA LEU A 161 -5.46 7.39 15.42
C LEU A 161 -6.87 7.86 15.84
N ARG A 162 -7.82 6.93 16.00
CA ARG A 162 -9.16 7.29 16.45
C ARG A 162 -9.07 8.00 17.80
N ASP A 163 -8.21 7.48 18.69
CA ASP A 163 -8.06 8.08 20.03
C ASP A 163 -7.38 9.44 20.00
N VAL A 164 -6.50 9.70 19.00
CA VAL A 164 -5.99 11.07 18.78
C VAL A 164 -7.16 12.07 18.54
N HIS A 165 -8.11 11.67 17.71
CA HIS A 165 -9.29 12.48 17.39
C HIS A 165 -10.27 12.60 18.57
N VAL A 166 -10.35 11.58 19.43
CA VAL A 166 -11.10 11.76 20.65
C VAL A 166 -10.51 12.88 21.50
N ALA A 167 -9.19 12.87 21.68
CA ALA A 167 -8.46 13.79 22.50
C ALA A 167 -8.35 15.16 21.85
N ASP A 168 -8.46 15.24 20.52
CA ASP A 168 -8.36 16.51 19.84
C ASP A 168 -9.14 16.46 18.55
N PRO A 169 -10.45 16.74 18.61
CA PRO A 169 -11.31 16.50 17.47
C PRO A 169 -11.14 17.52 16.33
N SER A 170 -10.12 18.36 16.42
CA SER A 170 -9.75 19.20 15.27
C SER A 170 -8.95 18.43 14.20
N TRP A 171 -8.59 17.18 14.48
CA TRP A 171 -7.88 16.35 13.52
C TRP A 171 -8.78 15.90 12.38
N THR A 172 -8.12 15.68 11.23
CA THR A 172 -8.64 14.94 10.14
C THR A 172 -7.83 13.62 10.02
N ILE A 173 -8.49 12.49 10.29
CA ILE A 173 -7.90 11.15 10.22
C ILE A 173 -8.61 10.43 9.07
N VAL A 174 -7.86 9.96 8.07
CA VAL A 174 -8.41 9.22 7.00
C VAL A 174 -7.75 7.83 7.01
N LEU A 175 -8.55 6.81 7.33
CA LEU A 175 -8.10 5.43 7.36
C LEU A 175 -8.46 4.79 6.02
N LEU A 176 -7.46 4.60 5.18
CA LEU A 176 -7.65 3.95 3.84
C LEU A 176 -7.24 2.48 3.95
N ARG A 177 -8.23 1.60 3.86
CA ARG A 177 -8.00 0.15 3.92
C ARG A 177 -7.73 -0.31 2.49
N TYR A 178 -6.46 -0.36 2.10
CA TYR A 178 -6.10 -0.85 0.78
C TYR A 178 -6.37 -2.35 0.71
N PHE A 179 -6.81 -2.81 -0.46
CA PHE A 179 -6.90 -4.27 -0.74
C PHE A 179 -5.54 -4.68 -1.27
N ASN A 180 -5.42 -5.08 -2.54
CA ASN A 180 -4.14 -5.63 -3.03
C ASN A 180 -3.64 -4.86 -4.26
N PRO A 181 -2.88 -3.76 -4.09
CA PRO A 181 -2.35 -2.98 -5.22
C PRO A 181 -1.30 -3.74 -6.02
N VAL A 182 -1.38 -3.62 -7.36
CA VAL A 182 -0.56 -4.29 -8.35
C VAL A 182 -0.30 -3.28 -9.49
N GLY A 183 0.80 -3.47 -10.18
CA GLY A 183 0.98 -2.83 -11.48
C GLY A 183 2.04 -1.76 -11.39
N ALA A 184 2.09 -0.92 -12.44
CA ALA A 184 3.17 0.05 -12.57
C ALA A 184 2.65 1.24 -13.40
N HIS A 185 3.27 2.38 -13.19
CA HIS A 185 3.05 3.57 -13.96
C HIS A 185 3.18 3.25 -15.47
N GLU A 186 2.36 3.91 -16.28
CA GLU A 186 2.25 3.52 -17.72
C GLU A 186 3.61 3.68 -18.44
N SER A 187 4.51 4.53 -17.91
CA SER A 187 5.80 4.87 -18.58
C SER A 187 6.75 3.67 -18.58
N GLY A 188 6.57 2.78 -17.60
CA GLY A 188 7.46 1.69 -17.39
C GLY A 188 8.76 2.12 -16.75
N LEU A 189 8.82 3.37 -16.26
CA LEU A 189 10.08 3.89 -15.68
C LEU A 189 10.09 3.67 -14.16
N LEU A 190 8.93 3.27 -13.63
CA LEU A 190 8.72 3.08 -12.18
C LEU A 190 7.80 1.86 -11.98
N GLY A 191 8.14 1.02 -11.00
CA GLY A 191 7.27 -0.11 -10.67
C GLY A 191 7.64 -0.67 -9.32
N GLU A 192 7.14 -1.85 -9.00
CA GLU A 192 7.40 -2.48 -7.72
C GLU A 192 8.78 -3.12 -7.69
N ASP A 193 9.60 -2.70 -6.73
CA ASP A 193 10.94 -3.21 -6.65
C ASP A 193 11.34 -3.36 -5.19
N PRO A 194 10.86 -4.40 -4.51
CA PRO A 194 11.29 -4.57 -3.12
C PRO A 194 12.74 -5.03 -3.04
N LYS A 195 13.27 -5.06 -1.82
CA LYS A 195 14.56 -5.65 -1.58
C LYS A 195 14.39 -7.12 -1.28
N GLY A 196 15.37 -7.92 -1.71
CA GLY A 196 15.33 -9.36 -1.47
C GLY A 196 14.31 -10.02 -2.37
N ILE A 197 13.84 -11.18 -1.94
CA ILE A 197 12.82 -11.94 -2.73
C ILE A 197 11.49 -11.26 -2.48
N PRO A 198 10.73 -10.93 -3.51
CA PRO A 198 9.45 -10.26 -3.28
C PRO A 198 8.52 -11.11 -2.44
N ALA A 199 7.89 -10.46 -1.47
CA ALA A 199 6.93 -11.12 -0.54
C ALA A 199 5.50 -11.13 -1.09
N ASN A 200 5.15 -10.11 -1.85
CA ASN A 200 3.88 -10.01 -2.47
C ASN A 200 3.83 -10.83 -3.78
N LEU A 201 2.60 -11.29 -4.14
CA LEU A 201 2.45 -12.22 -5.26
C LEU A 201 2.92 -11.64 -6.61
N THR A 202 2.40 -10.47 -6.99
CA THR A 202 2.61 -10.03 -8.41
C THR A 202 4.05 -9.66 -8.71
N PRO A 203 4.85 -9.01 -7.81
CA PRO A 203 6.23 -8.73 -8.17
C PRO A 203 6.99 -10.06 -8.36
N TYR A 204 6.64 -11.09 -7.56
CA TYR A 204 7.26 -12.43 -7.72
C TYR A 204 6.90 -13.01 -9.10
N VAL A 205 5.59 -12.98 -9.42
CA VAL A 205 5.11 -13.49 -10.70
C VAL A 205 5.79 -12.74 -11.85
N ALA A 206 5.88 -11.42 -11.76
CA ALA A 206 6.57 -10.65 -12.80
C ALA A 206 8.01 -11.12 -13.01
N LYS A 207 8.74 -11.37 -11.93
CA LYS A 207 10.07 -11.83 -12.04
C LYS A 207 10.17 -13.25 -12.61
N VAL A 208 9.21 -14.13 -12.32
CA VAL A 208 9.27 -15.45 -12.95
C VAL A 208 9.00 -15.30 -14.46
N ALA A 209 8.09 -14.40 -14.83
CA ALA A 209 7.68 -14.24 -16.22
C ALA A 209 8.88 -13.77 -17.06
N VAL A 210 9.77 -12.98 -16.48
CA VAL A 210 10.96 -12.48 -17.22
C VAL A 210 12.21 -13.29 -16.92
N GLY A 211 12.11 -14.42 -16.22
CA GLY A 211 13.22 -15.33 -16.07
C GLY A 211 14.16 -14.95 -14.95
N GLU A 212 13.77 -14.05 -14.02
CA GLU A 212 14.65 -13.64 -12.93
C GLU A 212 14.40 -14.49 -11.68
N LEU A 213 13.27 -15.17 -11.61
CA LEU A 213 13.01 -16.17 -10.55
C LEU A 213 12.49 -17.43 -11.24
N LYS A 214 12.61 -18.56 -10.54
CA LYS A 214 12.39 -19.84 -11.21
C LYS A 214 10.92 -20.27 -11.29
N GLU A 215 10.18 -20.10 -10.20
CA GLU A 215 8.87 -20.75 -10.03
C GLU A 215 8.01 -19.96 -9.06
N VAL A 216 6.76 -19.65 -9.45
CA VAL A 216 5.80 -19.03 -8.53
C VAL A 216 5.43 -20.07 -7.44
N GLN A 217 5.55 -19.65 -6.18
CA GLN A 217 5.21 -20.48 -5.02
C GLN A 217 3.77 -20.12 -4.68
N VAL A 218 2.83 -21.05 -4.90
CA VAL A 218 1.42 -20.76 -4.59
C VAL A 218 1.11 -21.30 -3.20
N TYR A 219 0.81 -20.39 -2.25
CA TYR A 219 0.69 -20.77 -0.84
C TYR A 219 -0.73 -21.24 -0.52
N GLY A 220 -0.92 -22.55 -0.70
CA GLY A 220 -2.14 -23.22 -0.30
C GLY A 220 -3.12 -23.38 -1.45
N ASP A 221 -3.68 -24.60 -1.63
CA ASP A 221 -4.76 -24.77 -2.56
C ASP A 221 -5.95 -25.47 -1.89
N ASP A 222 -6.06 -25.37 -0.56
CA ASP A 222 -7.16 -26.00 0.13
C ASP A 222 -8.03 -24.97 0.85
N TYR A 223 -8.03 -23.72 0.40
CA TYR A 223 -8.95 -22.71 0.95
C TYR A 223 -10.35 -22.95 0.41
N ASP A 224 -11.36 -22.40 1.11
CA ASP A 224 -12.74 -22.57 0.68
C ASP A 224 -13.05 -21.52 -0.39
N THR A 225 -12.46 -21.71 -1.56
CA THR A 225 -12.59 -20.85 -2.71
C THR A 225 -12.80 -21.74 -3.92
N PRO A 226 -13.25 -21.20 -5.06
CA PRO A 226 -13.52 -22.05 -6.23
C PRO A 226 -12.34 -22.94 -6.65
N ASP A 227 -11.09 -22.45 -6.63
CA ASP A 227 -9.97 -23.28 -7.08
C ASP A 227 -9.03 -23.62 -5.91
N GLY A 228 -9.40 -23.20 -4.71
CA GLY A 228 -8.67 -23.54 -3.49
C GLY A 228 -7.57 -22.57 -3.15
N THR A 229 -7.21 -21.69 -4.10
CA THR A 229 -6.13 -20.71 -3.77
C THR A 229 -6.78 -19.42 -3.26
N GLY A 230 -5.97 -18.58 -2.60
CA GLY A 230 -6.50 -17.36 -2.02
C GLY A 230 -7.12 -16.46 -3.07
N VAL A 231 -8.17 -15.71 -2.66
CA VAL A 231 -8.86 -14.75 -3.49
C VAL A 231 -8.69 -13.35 -2.89
N ARG A 232 -8.34 -12.40 -3.77
CA ARG A 232 -8.07 -11.07 -3.37
C ARG A 232 -8.63 -10.09 -4.40
N ASP A 233 -8.87 -8.87 -3.93
CA ASP A 233 -9.28 -7.74 -4.75
C ASP A 233 -8.02 -6.97 -5.13
N TYR A 234 -7.53 -7.26 -6.33
CA TYR A 234 -6.41 -6.58 -6.93
C TYR A 234 -6.87 -5.22 -7.48
N ILE A 235 -6.08 -4.21 -7.18
CA ILE A 235 -6.37 -2.84 -7.57
C ILE A 235 -5.11 -2.28 -8.21
N HIS A 236 -5.26 -1.61 -9.36
CA HIS A 236 -4.12 -1.02 -9.99
C HIS A 236 -3.52 0.09 -9.11
N VAL A 237 -2.20 0.04 -8.92
CA VAL A 237 -1.50 0.94 -8.02
C VAL A 237 -1.70 2.41 -8.46
N VAL A 238 -1.88 2.64 -9.77
CA VAL A 238 -2.13 4.00 -10.22
C VAL A 238 -3.52 4.46 -9.75
N ASP A 239 -4.55 3.62 -9.85
CA ASP A 239 -5.86 3.93 -9.33
C ASP A 239 -5.79 4.20 -7.83
N LEU A 240 -5.04 3.36 -7.11
CA LEU A 240 -4.90 3.52 -5.66
C LEU A 240 -4.24 4.88 -5.32
N ALA A 241 -3.21 5.24 -6.08
CA ALA A 241 -2.49 6.50 -5.96
C ALA A 241 -3.46 7.67 -6.15
N LYS A 242 -4.31 7.56 -7.19
CA LYS A 242 -5.27 8.63 -7.49
C LYS A 242 -6.25 8.82 -6.32
N GLY A 243 -6.55 7.71 -5.61
CA GLY A 243 -7.45 7.71 -4.49
C GLY A 243 -6.94 8.62 -3.37
N HIS A 244 -5.61 8.67 -3.20
CA HIS A 244 -5.02 9.53 -2.20
C HIS A 244 -5.18 11.01 -2.55
N VAL A 245 -4.99 11.31 -3.85
CA VAL A 245 -5.18 12.64 -4.31
C VAL A 245 -6.63 13.03 -4.11
N ALA A 246 -7.58 12.13 -4.38
CA ALA A 246 -8.99 12.42 -4.19
C ALA A 246 -9.33 12.76 -2.73
N VAL A 247 -8.75 12.02 -1.76
CA VAL A 247 -8.89 12.41 -0.36
C VAL A 247 -8.47 13.87 -0.16
N ILE A 248 -7.24 14.21 -0.57
CA ILE A 248 -6.69 15.50 -0.25
C ILE A 248 -7.48 16.60 -1.00
N ASP A 249 -7.97 16.28 -2.20
CA ASP A 249 -8.80 17.24 -2.98
C ASP A 249 -10.16 17.48 -2.32
N HIS A 250 -10.75 16.53 -1.61
CA HIS A 250 -12.14 16.57 -1.26
C HIS A 250 -12.39 16.67 0.26
N ILE A 251 -11.43 16.29 1.11
CA ILE A 251 -11.70 16.30 2.55
C ILE A 251 -10.93 17.47 3.16
N ASP A 252 -11.68 18.46 3.67
CA ASP A 252 -11.02 19.58 4.31
C ASP A 252 -11.83 19.96 5.54
N LYS A 253 -12.13 18.95 6.32
CA LYS A 253 -12.82 19.13 7.57
C LYS A 253 -12.32 18.08 8.56
N GLU A 254 -12.65 18.33 9.82
CA GLU A 254 -12.23 17.45 10.91
C GLU A 254 -13.07 16.18 10.93
N GLY A 255 -12.51 15.08 11.46
CA GLY A 255 -13.27 13.88 11.61
C GLY A 255 -12.44 12.66 11.30
N VAL A 256 -13.03 11.49 11.53
CA VAL A 256 -12.40 10.17 11.21
C VAL A 256 -13.21 9.63 10.02
N PHE A 257 -12.50 9.35 8.92
CA PHE A 257 -13.09 8.94 7.65
C PHE A 257 -12.44 7.64 7.21
N VAL A 258 -13.26 6.62 6.97
CA VAL A 258 -12.82 5.29 6.64
C VAL A 258 -13.23 4.94 5.20
N TYR A 259 -12.29 4.42 4.40
CA TYR A 259 -12.63 3.98 3.06
C TYR A 259 -11.91 2.65 2.76
N ASN A 260 -12.66 1.74 2.17
CA ASN A 260 -12.10 0.56 1.50
C ASN A 260 -11.72 0.97 0.08
N LEU A 261 -10.44 0.75 -0.28
CA LEU A 261 -9.96 1.03 -1.63
C LEU A 261 -9.63 -0.29 -2.34
N GLY A 262 -10.58 -0.69 -3.20
CA GLY A 262 -10.53 -1.90 -4.01
C GLY A 262 -11.43 -1.71 -5.23
N THR A 263 -11.49 -2.75 -6.06
CA THR A 263 -12.26 -2.81 -7.33
C THR A 263 -13.58 -3.50 -7.16
N GLY A 264 -13.69 -4.36 -6.15
CA GLY A 264 -14.83 -5.27 -6.05
C GLY A 264 -14.72 -6.54 -6.90
N HIS A 265 -13.65 -6.67 -7.68
CA HIS A 265 -13.34 -7.89 -8.48
C HIS A 265 -12.31 -8.76 -7.76
N GLY A 266 -12.71 -9.98 -7.38
CA GLY A 266 -11.81 -10.87 -6.70
C GLY A 266 -11.26 -11.90 -7.67
N TYR A 267 -9.95 -12.12 -7.62
CA TYR A 267 -9.26 -13.10 -8.43
C TYR A 267 -8.48 -14.04 -7.52
N SER A 268 -8.42 -15.32 -7.90
CA SER A 268 -7.59 -16.32 -7.20
C SER A 268 -6.15 -16.17 -7.63
N VAL A 269 -5.26 -16.83 -6.89
CA VAL A 269 -3.85 -16.82 -7.22
C VAL A 269 -3.63 -17.36 -8.66
N LEU A 270 -4.30 -18.45 -8.97
CA LEU A 270 -4.14 -19.13 -10.27
C LEU A 270 -4.66 -18.20 -11.38
N GLU A 271 -5.71 -17.44 -11.09
CA GLU A 271 -6.26 -16.48 -12.06
C GLU A 271 -5.28 -15.34 -12.34
N VAL A 272 -4.59 -14.88 -11.29
CA VAL A 272 -3.55 -13.89 -11.44
C VAL A 272 -2.43 -14.41 -12.35
N ILE A 273 -1.97 -15.63 -12.09
CA ILE A 273 -0.94 -16.22 -12.91
C ILE A 273 -1.42 -16.25 -14.37
N LYS A 274 -2.65 -16.69 -14.58
CA LYS A 274 -3.21 -16.74 -15.96
C LYS A 274 -3.20 -15.36 -16.62
N ALA A 275 -3.59 -14.31 -15.87
CA ALA A 275 -3.54 -12.94 -16.47
C ALA A 275 -2.11 -12.61 -16.87
N TYR A 276 -1.12 -12.96 -16.04
CA TYR A 276 0.23 -12.69 -16.42
C TYR A 276 0.65 -13.54 -17.64
N GLU A 277 0.18 -14.77 -17.72
CA GLU A 277 0.55 -15.64 -18.85
C GLU A 277 -0.02 -15.05 -20.16
N LYS A 278 -1.19 -14.41 -20.05
CA LYS A 278 -1.81 -13.77 -21.20
C LYS A 278 -0.96 -12.59 -21.60
N ALA A 279 -0.45 -11.83 -20.62
CA ALA A 279 0.37 -10.67 -20.90
C ALA A 279 1.74 -11.07 -21.45
N ALA A 280 2.29 -12.20 -21.04
CA ALA A 280 3.62 -12.65 -21.42
C ALA A 280 3.63 -13.47 -22.72
N GLY A 281 2.53 -14.16 -23.04
CA GLY A 281 2.40 -15.09 -24.16
C GLY A 281 3.16 -16.38 -23.96
N HIS A 282 3.33 -16.79 -22.70
CA HIS A 282 3.95 -18.08 -22.40
C HIS A 282 3.51 -18.55 -21.02
N PRO A 283 3.58 -19.85 -20.71
CA PRO A 283 3.29 -20.32 -19.35
C PRO A 283 4.32 -19.75 -18.37
N ILE A 284 3.87 -19.53 -17.14
CA ILE A 284 4.64 -19.05 -16.06
C ILE A 284 4.65 -20.16 -15.02
N PRO A 285 5.80 -20.84 -14.83
CA PRO A 285 5.82 -22.01 -13.96
C PRO A 285 5.38 -21.67 -12.53
N TYR A 286 4.58 -22.55 -11.93
CA TYR A 286 4.14 -22.42 -10.58
C TYR A 286 4.05 -23.82 -9.94
N ALA A 287 4.12 -23.83 -8.61
CA ALA A 287 4.03 -25.06 -7.76
C ALA A 287 3.11 -24.73 -6.59
N ILE A 288 2.32 -25.71 -6.20
CA ILE A 288 1.52 -25.64 -5.00
C ILE A 288 2.40 -25.92 -3.79
N LYS A 289 2.34 -24.99 -2.82
CA LYS A 289 3.13 -25.03 -1.60
C LYS A 289 2.16 -25.01 -0.42
N PRO A 290 2.64 -25.29 0.81
CA PRO A 290 1.75 -25.18 1.96
C PRO A 290 1.25 -23.74 2.15
N ARG A 291 0.18 -23.62 2.93
CA ARG A 291 -0.36 -22.29 3.35
C ARG A 291 0.74 -21.48 4.01
N ARG A 292 0.68 -20.17 3.78
CA ARG A 292 1.50 -19.23 4.47
C ARG A 292 0.80 -18.83 5.76
N PRO A 293 1.46 -18.84 6.93
CA PRO A 293 0.78 -18.44 8.15
C PRO A 293 0.18 -17.04 8.03
N GLY A 294 -1.05 -16.92 8.55
CA GLY A 294 -1.72 -15.61 8.62
C GLY A 294 -2.67 -15.32 7.46
N ASP A 295 -2.52 -16.05 6.36
CA ASP A 295 -3.39 -15.77 5.17
C ASP A 295 -4.81 -16.23 5.45
N ILE A 296 -5.78 -15.49 4.91
CA ILE A 296 -7.16 -15.96 4.97
C ILE A 296 -7.60 -16.30 3.53
N ALA A 297 -8.78 -16.89 3.40
CA ALA A 297 -9.22 -17.48 2.14
C ALA A 297 -9.52 -16.40 1.09
N ALA A 298 -10.40 -15.46 1.46
CA ALA A 298 -10.98 -14.56 0.42
C ALA A 298 -11.34 -13.19 1.02
N CYS A 299 -10.92 -12.10 0.35
CA CYS A 299 -11.35 -10.76 0.77
C CYS A 299 -11.41 -9.88 -0.47
N TYR A 300 -12.51 -9.14 -0.59
CA TYR A 300 -12.68 -8.15 -1.68
C TYR A 300 -13.69 -7.10 -1.20
N ALA A 301 -13.65 -5.94 -1.84
CA ALA A 301 -14.23 -4.72 -1.32
C ALA A 301 -15.49 -4.33 -2.08
N ASP A 302 -16.41 -3.71 -1.35
CA ASP A 302 -17.43 -2.81 -1.92
C ASP A 302 -16.95 -1.38 -1.67
N ALA A 303 -16.52 -0.71 -2.76
CA ALA A 303 -15.90 0.62 -2.65
C ALA A 303 -16.87 1.76 -3.08
N SER A 304 -18.15 1.53 -2.86
CA SER A 304 -19.25 2.49 -3.09
C SER A 304 -18.98 3.78 -2.37
N LYS A 305 -18.56 3.67 -1.11
CA LYS A 305 -18.46 4.81 -0.26
C LYS A 305 -17.42 5.79 -0.80
N ALA A 306 -16.26 5.30 -1.24
CA ALA A 306 -15.25 6.17 -1.82
C ALA A 306 -15.76 6.81 -3.13
N GLU A 307 -16.57 6.06 -3.86
CA GLU A 307 -17.06 6.62 -5.12
C GLU A 307 -18.02 7.78 -4.84
N LYS A 308 -18.93 7.59 -3.89
CA LYS A 308 -19.86 8.67 -3.49
C LYS A 308 -19.14 9.87 -2.88
N GLU A 309 -18.30 9.63 -1.88
CA GLU A 309 -17.76 10.70 -1.08
C GLU A 309 -16.57 11.38 -1.76
N LEU A 310 -15.75 10.65 -2.52
CA LEU A 310 -14.48 11.16 -3.06
C LEU A 310 -14.54 11.28 -4.59
N GLY A 311 -15.61 10.80 -5.20
CA GLY A 311 -15.68 10.80 -6.66
C GLY A 311 -14.77 9.79 -7.33
N TRP A 312 -14.28 8.79 -6.58
CA TRP A 312 -13.20 7.97 -7.06
C TRP A 312 -13.64 6.54 -7.28
N LYS A 313 -13.15 5.94 -8.37
CA LYS A 313 -13.35 4.57 -8.68
C LYS A 313 -12.10 3.99 -9.36
N ALA A 314 -11.79 2.72 -9.00
CA ALA A 314 -10.68 2.00 -9.59
C ALA A 314 -11.23 1.08 -10.69
N GLU A 315 -10.96 1.46 -11.93
CA GLU A 315 -11.50 0.77 -13.07
C GLU A 315 -10.41 0.14 -13.95
N LEU A 316 -9.14 0.48 -13.76
CA LEU A 316 -8.08 -0.34 -14.47
C LEU A 316 -8.29 -1.81 -14.14
N THR A 317 -8.06 -2.69 -15.15
CA THR A 317 -8.41 -4.10 -15.05
C THR A 317 -7.19 -4.95 -14.67
N ILE A 318 -7.46 -6.21 -14.37
CA ILE A 318 -6.41 -7.20 -14.05
C ILE A 318 -5.42 -7.31 -15.21
N ASP A 319 -5.91 -7.12 -16.46
CA ASP A 319 -5.01 -7.16 -17.61
C ASP A 319 -4.17 -5.89 -17.69
N ASP A 320 -4.74 -4.73 -17.33
CA ASP A 320 -3.97 -3.51 -17.24
C ASP A 320 -2.86 -3.68 -16.19
N MET A 321 -3.21 -4.30 -15.08
CA MET A 321 -2.27 -4.51 -13.98
C MET A 321 -1.09 -5.37 -14.43
N ALA A 322 -1.40 -6.55 -14.95
CA ALA A 322 -0.40 -7.52 -15.41
C ALA A 322 0.47 -6.91 -16.53
N ALA A 323 -0.16 -6.25 -17.53
CA ALA A 323 0.60 -5.70 -18.63
C ALA A 323 1.55 -4.61 -18.16
N SER A 324 1.08 -3.69 -17.29
CA SER A 324 1.90 -2.59 -16.84
C SER A 324 3.04 -3.14 -15.99
N SER A 325 2.75 -4.18 -15.20
CA SER A 325 3.78 -4.83 -14.34
C SER A 325 4.89 -5.43 -15.22
N LEU A 326 4.44 -6.14 -16.24
CA LEU A 326 5.40 -6.85 -17.15
C LEU A 326 6.21 -5.84 -17.98
N ASN A 327 5.56 -4.74 -18.35
CA ASN A 327 6.22 -3.62 -19.10
C ASN A 327 7.40 -3.09 -18.25
N TRP A 328 7.11 -2.73 -16.99
CA TRP A 328 8.14 -2.34 -16.03
C TRP A 328 9.23 -3.42 -15.91
N GLN A 329 8.82 -4.69 -15.73
CA GLN A 329 9.77 -5.71 -15.29
C GLN A 329 10.66 -6.08 -16.50
N THR A 330 10.06 -6.04 -17.68
CA THR A 330 10.78 -6.37 -18.92
C THR A 330 11.86 -5.30 -19.14
N LYS A 331 11.47 -4.04 -18.98
CA LYS A 331 12.38 -2.91 -19.21
C LYS A 331 13.37 -2.74 -18.06
N ASN A 332 13.13 -3.35 -16.88
CA ASN A 332 13.92 -3.20 -15.65
C ASN A 332 13.99 -4.55 -14.91
N PRO A 333 14.62 -5.58 -15.50
CA PRO A 333 14.45 -6.95 -14.97
C PRO A 333 15.05 -7.17 -13.55
N ASN A 334 16.10 -6.42 -13.25
CA ASN A 334 16.70 -6.38 -11.90
C ASN A 334 16.18 -5.16 -11.10
N GLY A 335 15.04 -4.58 -11.48
CA GLY A 335 14.53 -3.37 -10.79
C GLY A 335 15.46 -2.18 -10.99
N PHE A 336 15.66 -1.36 -9.94
CA PHE A 336 16.38 -0.08 -10.04
C PHE A 336 17.89 -0.28 -9.89
#